data_8H9H
#
_entry.id   8H9H
#
_cell.length_a   63.542
_cell.length_b   63.542
_cell.length_c   201.586
_cell.angle_alpha   90.000
_cell.angle_beta   90.000
_cell.angle_gamma   120.000
#
_symmetry.space_group_name_H-M   'P 65 2 2'
#
loop_
_entity.id
_entity.type
_entity.pdbx_description
1 polymer "DNA (5'-D(*TP*AP*AP*GP*GP*AP*CP*CP*CP*AP*GP*AP*T)-3')"
2 polymer "DNA (5'-D(P*AP*AP*TP*CP*TP*GP*GP*GP*TP*CP*CP*TP*T)-3')"
3 polymer 'Zinc finger and BTB domain-containing protein 7A'
4 non-polymer 'ZINC ION'
5 water water
#
loop_
_entity_poly.entity_id
_entity_poly.type
_entity_poly.pdbx_seq_one_letter_code
_entity_poly.pdbx_strand_id
1 'polydeoxyribonucleotide' (DT)(DA)(DA)(DG)(DG)(DA)(DC)(DC)(DC)(DA)(DG)(DA)(DT) A
2 'polydeoxyribonucleotide' (DA)(DA)(DT)(DC)(DT)(DG)(DG)(DG)(DT)(DC)(DC)(DT)(DT) B
3 'polypeptide(L)'
;GSHMQKCPICEKVIQGAGKLPRHIRTHTGEKPYECNICKVRFTRQDKLKVHMRKHTGEKPYLCQQCGAAFAHNYDLKNHM
RVHTGLR
;
G,F
#
# COMPACT_ATOMS: atom_id res chain seq x y z
N HIS C 3 0.48 14.11 9.01
CA HIS C 3 0.26 13.39 10.27
C HIS C 3 -0.99 12.49 10.19
N MET C 4 -2.19 13.06 10.16
CA MET C 4 -3.40 12.23 10.09
C MET C 4 -4.54 13.01 9.46
N GLN C 5 -5.55 12.27 9.00
CA GLN C 5 -6.71 12.83 8.33
C GLN C 5 -7.93 11.94 8.57
N LYS C 6 -9.13 12.53 8.51
CA LYS C 6 -10.38 11.78 8.59
C LYS C 6 -10.83 11.37 7.20
N CYS C 7 -11.22 10.10 7.06
CA CYS C 7 -11.76 9.65 5.78
C CYS C 7 -13.06 10.39 5.53
N PRO C 8 -13.23 11.01 4.35
CA PRO C 8 -14.46 11.75 4.09
C PRO C 8 -15.64 10.85 3.78
N ILE C 9 -15.44 9.53 3.72
CA ILE C 9 -16.55 8.61 3.51
C ILE C 9 -17.05 8.10 4.85
N CYS C 10 -16.18 7.52 5.67
CA CYS C 10 -16.59 6.90 6.93
C CYS C 10 -16.13 7.66 8.17
N GLU C 11 -15.44 8.80 8.03
CA GLU C 11 -15.01 9.66 9.12
C GLU C 11 -13.92 9.04 10.00
N LYS C 12 -13.47 7.83 9.72
CA LYS C 12 -12.39 7.23 10.50
C LYS C 12 -11.07 8.00 10.32
N VAL C 13 -10.33 8.16 11.42
CA VAL C 13 -9.06 8.86 11.37
C VAL C 13 -7.98 7.91 10.85
N ILE C 14 -7.30 8.32 9.77
CA ILE C 14 -6.27 7.54 9.08
C ILE C 14 -4.91 8.20 9.37
N GLN C 15 -3.97 7.43 9.93
CA GLN C 15 -2.64 7.95 10.27
C GLN C 15 -1.72 7.95 9.05
N GLY C 16 -0.86 8.97 8.97
CA GLY C 16 0.23 8.93 8.01
C GLY C 16 0.06 9.85 6.81
N ALA C 17 1.05 10.71 6.57
CA ALA C 17 0.97 11.60 5.44
C ALA C 17 1.09 10.77 4.18
N GLY C 18 0.02 10.77 3.36
CA GLY C 18 0.00 10.00 2.14
C GLY C 18 -0.71 8.68 2.23
N LYS C 19 -1.29 8.34 3.39
CA LYS C 19 -1.93 7.05 3.60
C LYS C 19 -3.44 7.10 3.45
N LEU C 20 -4.04 8.27 3.20
CA LEU C 20 -5.49 8.29 3.01
C LEU C 20 -5.91 7.59 1.71
N PRO C 21 -5.21 7.79 0.58
CA PRO C 21 -5.70 7.14 -0.66
C PRO C 21 -5.82 5.64 -0.53
N ARG C 22 -4.87 4.98 0.11
CA ARG C 22 -4.98 3.53 0.25
C ARG C 22 -6.22 3.14 1.07
N HIS C 23 -6.61 3.96 2.05
CA HIS C 23 -7.82 3.66 2.82
C HIS C 23 -9.08 3.89 1.99
N ILE C 24 -9.12 5.00 1.27
CA ILE C 24 -10.24 5.30 0.39
C ILE C 24 -10.50 4.15 -0.57
N ARG C 25 -9.42 3.54 -1.10
CA ARG C 25 -9.59 2.41 -2.00
C ARG C 25 -10.18 1.18 -1.33
N THR C 26 -10.18 1.10 0.00
CA THR C 26 -10.97 0.04 0.63
C THR C 26 -12.46 0.28 0.41
N HIS C 27 -12.86 1.54 0.24
CA HIS C 27 -14.25 1.86 -0.09
C HIS C 27 -14.52 1.72 -1.59
N THR C 28 -13.64 2.27 -2.43
CA THR C 28 -13.94 2.30 -3.87
C THR C 28 -13.64 0.97 -4.57
N GLY C 29 -12.76 0.14 -4.04
CA GLY C 29 -12.35 -1.07 -4.75
C GLY C 29 -11.38 -0.84 -5.88
N GLU C 30 -10.89 0.39 -6.08
CA GLU C 30 -9.89 0.63 -7.10
C GLU C 30 -8.62 -0.19 -6.79
N LYS C 31 -8.08 -0.85 -7.79
CA LYS C 31 -6.86 -1.66 -7.64
C LYS C 31 -5.86 -1.20 -8.69
N PRO C 32 -5.14 -0.11 -8.42
CA PRO C 32 -4.32 0.52 -9.47
C PRO C 32 -3.06 -0.25 -9.82
N TYR C 33 -2.65 -1.24 -9.03
CA TYR C 33 -1.37 -1.90 -9.25
C TYR C 33 -1.59 -3.31 -9.77
N GLU C 34 -0.93 -3.66 -10.88
CA GLU C 34 -1.17 -4.91 -11.58
C GLU C 34 0.13 -5.69 -11.71
N CYS C 35 0.06 -7.00 -11.48
CA CYS C 35 1.25 -7.84 -11.64
C CYS C 35 1.50 -8.07 -13.12
N ASN C 36 2.71 -7.73 -13.56
CA ASN C 36 3.04 -7.79 -14.99
C ASN C 36 2.93 -9.21 -15.53
N ILE C 37 3.05 -10.22 -14.67
CA ILE C 37 3.16 -11.61 -15.11
C ILE C 37 1.79 -12.26 -15.14
N CYS C 38 1.11 -12.32 -14.00
CA CYS C 38 -0.17 -13.03 -13.90
C CYS C 38 -1.37 -12.10 -13.97
N LYS C 39 -1.16 -10.82 -14.26
CA LYS C 39 -2.22 -9.84 -14.51
C LYS C 39 -3.09 -9.55 -13.29
N VAL C 40 -2.76 -10.10 -12.13
CA VAL C 40 -3.59 -9.89 -10.94
C VAL C 40 -3.36 -8.47 -10.43
N ARG C 41 -4.43 -7.85 -9.92
CA ARG C 41 -4.42 -6.45 -9.50
C ARG C 41 -4.54 -6.33 -7.98
N PHE C 42 -4.00 -5.23 -7.45
CA PHE C 42 -3.91 -5.00 -6.02
C PHE C 42 -4.23 -3.56 -5.72
N THR C 43 -4.74 -3.30 -4.51
CA THR C 43 -4.99 -1.93 -4.08
C THR C 43 -3.72 -1.19 -3.71
N ARG C 44 -2.64 -1.90 -3.41
CA ARG C 44 -1.48 -1.29 -2.77
C ARG C 44 -0.18 -1.75 -3.42
N GLN C 45 0.74 -0.80 -3.55
CA GLN C 45 2.04 -1.10 -4.14
C GLN C 45 2.80 -2.12 -3.29
N ASP C 46 2.72 -1.99 -1.97
CA ASP C 46 3.47 -2.93 -1.13
C ASP C 46 2.90 -4.33 -1.21
N LYS C 47 1.57 -4.47 -1.35
CA LYS C 47 0.99 -5.81 -1.53
C LYS C 47 1.43 -6.44 -2.84
N LEU C 48 1.45 -5.65 -3.93
CA LEU C 48 1.98 -6.17 -5.19
C LEU C 48 3.43 -6.61 -5.04
N LYS C 49 4.23 -5.83 -4.31
CA LYS C 49 5.65 -6.16 -4.17
C LYS C 49 5.85 -7.51 -3.50
N VAL C 50 5.09 -7.79 -2.43
CA VAL C 50 5.22 -9.11 -1.81
C VAL C 50 4.73 -10.19 -2.76
N HIS C 51 3.68 -9.89 -3.55
CA HIS C 51 3.14 -10.91 -4.43
C HIS C 51 4.16 -11.31 -5.50
N MET C 52 4.93 -10.35 -6.02
CA MET C 52 5.88 -10.66 -7.08
C MET C 52 6.95 -11.64 -6.61
N ARG C 53 7.11 -11.81 -5.30
CA ARG C 53 8.10 -12.76 -4.81
C ARG C 53 7.76 -14.18 -5.27
N LYS C 54 6.47 -14.45 -5.50
CA LYS C 54 6.06 -15.74 -6.03
C LYS C 54 6.67 -16.01 -7.39
N HIS C 55 6.88 -14.97 -8.19
CA HIS C 55 7.46 -15.14 -9.52
C HIS C 55 8.97 -15.02 -9.53
N THR C 56 9.53 -14.18 -8.67
CA THR C 56 10.98 -13.97 -8.66
C THR C 56 11.71 -14.94 -7.74
N GLY C 57 11.00 -15.65 -6.86
CA GLY C 57 11.66 -16.53 -5.92
C GLY C 57 12.52 -15.84 -4.90
N GLU C 58 12.43 -14.51 -4.79
CA GLU C 58 13.23 -13.75 -3.84
C GLU C 58 12.84 -14.10 -2.41
N LYS C 59 13.84 -14.10 -1.53
CA LYS C 59 13.65 -14.47 -0.13
C LYS C 59 14.46 -13.51 0.74
N PRO C 60 13.88 -12.34 1.09
CA PRO C 60 14.65 -11.32 1.80
C PRO C 60 14.80 -11.55 3.30
N TYR C 61 14.13 -12.55 3.87
CA TYR C 61 14.18 -12.80 5.31
C TYR C 61 15.20 -13.88 5.56
N LEU C 62 16.34 -13.49 6.14
CA LEU C 62 17.51 -14.33 6.25
C LEU C 62 17.76 -14.67 7.71
N CYS C 63 18.05 -15.94 7.97
CA CYS C 63 18.38 -16.38 9.33
C CYS C 63 19.86 -16.16 9.59
N GLN C 64 20.16 -15.31 10.57
CA GLN C 64 21.55 -14.95 10.86
C GLN C 64 22.37 -16.13 11.37
N GLN C 65 21.73 -17.19 11.85
CA GLN C 65 22.47 -18.34 12.35
C GLN C 65 22.99 -19.22 11.20
N CYS C 66 22.10 -19.69 10.33
CA CYS C 66 22.50 -20.61 9.27
C CYS C 66 22.35 -20.07 7.86
N GLY C 67 21.76 -18.90 7.67
CA GLY C 67 21.59 -18.35 6.35
C GLY C 67 20.38 -18.85 5.59
N ALA C 68 19.51 -19.62 6.23
CA ALA C 68 18.26 -20.05 5.60
C ALA C 68 17.44 -18.84 5.18
N ALA C 69 16.89 -18.88 3.97
CA ALA C 69 16.26 -17.71 3.35
C ALA C 69 14.77 -17.95 3.16
N PHE C 70 13.97 -16.95 3.51
CA PHE C 70 12.51 -17.08 3.46
C PHE C 70 11.88 -15.87 2.80
N ALA C 71 10.72 -16.08 2.19
CA ALA C 71 9.97 -15.01 1.57
C ALA C 71 9.08 -14.26 2.55
N HIS C 72 8.66 -14.90 3.64
CA HIS C 72 7.78 -14.29 4.62
C HIS C 72 8.46 -14.28 5.97
N ASN C 73 8.19 -13.22 6.76
CA ASN C 73 8.78 -13.13 8.08
C ASN C 73 8.23 -14.19 9.02
N TYR C 74 7.01 -14.68 8.80
CA TYR C 74 6.52 -15.70 9.73
C TYR C 74 7.17 -17.05 9.47
N ASP C 75 7.53 -17.34 8.22
CA ASP C 75 8.35 -18.52 7.96
C ASP C 75 9.68 -18.40 8.69
N LEU C 76 10.31 -17.23 8.63
CA LEU C 76 11.56 -17.04 9.34
C LEU C 76 11.35 -17.25 10.84
N LYS C 77 10.27 -16.67 11.37
CA LYS C 77 9.92 -16.85 12.77
C LYS C 77 9.77 -18.33 13.11
N ASN C 78 9.04 -19.07 12.27
CA ASN C 78 8.92 -20.51 12.47
C ASN C 78 10.28 -21.19 12.47
N HIS C 79 11.16 -20.76 11.57
CA HIS C 79 12.46 -21.40 11.46
C HIS C 79 13.28 -21.25 12.73
N MET C 80 13.23 -20.07 13.35
CA MET C 80 14.14 -19.78 14.43
C MET C 80 13.88 -20.61 15.68
N ARG C 81 12.83 -21.42 15.70
CA ARG C 81 12.68 -22.37 16.81
C ARG C 81 13.82 -23.37 16.85
N VAL C 82 14.28 -23.82 15.68
CA VAL C 82 15.39 -24.77 15.63
C VAL C 82 16.67 -24.19 16.20
N HIS C 83 16.67 -22.91 16.55
CA HIS C 83 17.85 -22.28 17.11
C HIS C 83 17.63 -21.92 18.58
N LYS D 59 -14.66 14.11 -5.74
CA LYS D 59 -15.49 14.13 -4.55
C LYS D 59 -14.73 13.71 -3.27
N PRO D 60 -14.15 12.50 -3.22
CA PRO D 60 -13.50 12.06 -1.98
C PRO D 60 -12.12 12.63 -1.77
N TYR D 61 -11.49 13.20 -2.79
CA TYR D 61 -10.14 13.75 -2.68
C TYR D 61 -10.27 15.26 -2.52
N LEU D 62 -10.13 15.74 -1.30
CA LEU D 62 -10.40 17.12 -0.94
C LEU D 62 -9.11 17.83 -0.57
N CYS D 63 -8.86 18.96 -1.24
CA CYS D 63 -7.70 19.78 -0.95
C CYS D 63 -7.85 20.42 0.43
N GLN D 64 -6.79 20.35 1.23
CA GLN D 64 -6.80 20.86 2.59
C GLN D 64 -6.33 22.31 2.69
N GLN D 65 -6.23 23.02 1.56
CA GLN D 65 -5.91 24.43 1.55
C GLN D 65 -7.04 25.29 1.00
N CYS D 66 -7.63 24.91 -0.14
CA CYS D 66 -8.73 25.66 -0.71
C CYS D 66 -10.06 24.89 -0.71
N GLY D 67 -10.06 23.63 -0.30
CA GLY D 67 -11.30 22.90 -0.15
C GLY D 67 -11.93 22.41 -1.43
N ALA D 68 -11.29 22.59 -2.57
CA ALA D 68 -11.84 22.08 -3.82
C ALA D 68 -11.86 20.55 -3.80
N ALA D 69 -12.93 19.98 -4.34
CA ALA D 69 -13.13 18.54 -4.35
C ALA D 69 -12.78 17.96 -5.73
N PHE D 70 -12.08 16.83 -5.72
CA PHE D 70 -11.63 16.18 -6.95
C PHE D 70 -11.95 14.69 -6.90
N ALA D 71 -12.37 14.14 -8.05
CA ALA D 71 -12.89 12.78 -8.07
C ALA D 71 -11.79 11.74 -7.95
N HIS D 72 -10.57 12.07 -8.37
CA HIS D 72 -9.47 11.12 -8.37
C HIS D 72 -8.27 11.75 -7.66
N ASN D 73 -7.31 10.90 -7.28
CA ASN D 73 -6.15 11.40 -6.54
C ASN D 73 -5.27 12.28 -7.42
N TYR D 74 -5.13 11.98 -8.70
CA TYR D 74 -4.29 12.81 -9.55
C TYR D 74 -4.89 14.20 -9.73
N ASP D 75 -6.22 14.28 -9.87
CA ASP D 75 -6.86 15.59 -10.00
C ASP D 75 -6.71 16.42 -8.73
N LEU D 76 -6.56 15.77 -7.58
CA LEU D 76 -6.21 16.50 -6.37
C LEU D 76 -4.77 16.96 -6.41
N LYS D 77 -3.85 16.08 -6.82
CA LYS D 77 -2.43 16.43 -6.89
C LYS D 77 -2.10 17.34 -8.07
N ASN D 78 -2.98 17.40 -9.07
CA ASN D 78 -2.81 18.40 -10.14
C ASN D 78 -3.06 19.81 -9.62
N HIS D 79 -3.91 19.95 -8.62
CA HIS D 79 -4.29 21.23 -8.04
C HIS D 79 -3.37 21.66 -6.91
N MET D 80 -2.50 20.77 -6.40
CA MET D 80 -1.58 21.13 -5.33
C MET D 80 -0.51 22.12 -5.80
N ARG D 81 -0.30 22.23 -7.10
CA ARG D 81 0.65 23.20 -7.65
C ARG D 81 0.06 24.60 -7.78
N VAL D 82 -1.25 24.75 -7.67
CA VAL D 82 -1.87 26.07 -7.78
C VAL D 82 -1.43 26.96 -6.63
N HIS D 83 -1.43 26.43 -5.42
CA HIS D 83 -1.01 27.19 -4.25
C HIS D 83 0.50 27.20 -4.11
#